data_9KGN
#
_entry.id   9KGN
#
_cell.length_a   55.461
_cell.length_b   98.659
_cell.length_c   59.735
_cell.angle_alpha   90.000
_cell.angle_beta   108.933
_cell.angle_gamma   90.000
#
_symmetry.space_group_name_H-M   'P 1 21 1'
#
loop_
_entity.id
_entity.type
_entity.pdbx_description
1 polymer '3C-like proteinase nsp5'
2 polymer 'compound 3'
3 water water
#
loop_
_entity_poly.entity_id
_entity_poly.type
_entity_poly.pdbx_seq_one_letter_code
_entity_poly.pdbx_strand_id
1 'polypeptide(L)'
;GPLGSSGFRKMAFPSGKVEGCMVQVTCGTTTLNGLWLDDVVYCPRHVICTSEDMLNPNYEDLLIRKSNHNFLVQAGNVQL
RVIGHSMQNCVLKLKVDTANPKTPKYKFVRIQPGQTFSVLACYNGSPSGVYQCAMRPNFTIKGSFLNGSCGSVGFNIDYD
CVSFCYMHHMELPTGVHAGTDLEGNFYGPFVDRQTAQAAGTDTTITVNVLAWLYAAVINGDRWFLNRFTTTLNDFNLVAM
KYNYEPLTQDHVDILGPLSAQTGIAVLDMCASLKELLQNGMNGRTILGSALLEDEFTPFDVVRQCSGVTFQ
;
B,A
2 'polypeptide(L)' (ACE)VL(ELL) C,D
#
loop_
_chem_comp.id
_chem_comp.type
_chem_comp.name
_chem_comp.formula
ACE non-polymer 'ACETYL GROUP' 'C2 H4 O'
ELL non-polymer (2S)-2-azanyl-3-[(3S)-2-oxidanylidenepyrrolidin-3-yl]propanal 'C7 H12 N2 O2'
#
# COMPACT_ATOMS: atom_id res chain seq x y z
N PHE A 8 0.76 6.94 -11.65
CA PHE A 8 1.12 6.92 -10.23
C PHE A 8 0.27 5.89 -9.48
N ARG A 9 0.67 5.56 -8.25
CA ARG A 9 0.21 4.36 -7.57
C ARG A 9 -0.54 4.70 -6.28
N LYS A 10 -1.26 3.71 -5.76
CA LYS A 10 -1.93 3.87 -4.48
C LYS A 10 -0.93 3.64 -3.34
N MET A 11 -1.08 4.44 -2.29
CA MET A 11 -0.05 4.56 -1.26
C MET A 11 -0.74 4.54 0.10
N ALA A 12 -0.39 3.55 0.92
CA ALA A 12 -0.93 3.49 2.28
C ALA A 12 -0.19 4.46 3.17
N PHE A 13 -0.86 4.90 4.24
CA PHE A 13 -0.16 5.67 5.25
C PHE A 13 0.81 4.77 6.00
N PRO A 14 1.89 5.33 6.55
CA PRO A 14 2.74 4.55 7.46
C PRO A 14 1.89 4.02 8.61
N SER A 15 2.09 2.75 8.95
CA SER A 15 1.18 2.07 9.86
C SER A 15 1.69 2.00 11.29
N GLY A 16 2.83 2.61 11.59
CA GLY A 16 3.45 2.41 12.89
C GLY A 16 2.57 2.84 14.06
N LYS A 17 1.87 3.96 13.92
CA LYS A 17 1.02 4.42 15.02
C LYS A 17 -0.11 3.45 15.31
N VAL A 18 -0.65 2.78 14.27
CA VAL A 18 -1.74 1.84 14.50
C VAL A 18 -1.21 0.49 14.96
N GLU A 19 -0.08 0.03 14.38
CA GLU A 19 0.56 -1.20 14.85
C GLU A 19 0.75 -1.21 16.36
N GLY A 20 1.20 -0.08 16.94
CA GLY A 20 1.37 0.01 18.38
C GLY A 20 0.10 -0.12 19.19
N CYS A 21 -1.05 -0.22 18.52
CA CYS A 21 -2.34 -0.31 19.19
C CYS A 21 -3.05 -1.65 19.01
N MET A 22 -2.46 -2.59 18.28
CA MET A 22 -3.17 -3.84 17.97
C MET A 22 -2.95 -4.87 19.08
N VAL A 23 -4.05 -5.49 19.51
CA VAL A 23 -4.01 -6.57 20.49
C VAL A 23 -4.93 -7.68 19.99
N GLN A 24 -4.88 -8.82 20.67
CA GLN A 24 -5.83 -9.88 20.36
C GLN A 24 -6.79 -10.05 21.53
N VAL A 25 -8.01 -10.46 21.20
CA VAL A 25 -9.09 -10.64 22.15
C VAL A 25 -9.69 -12.02 21.90
N THR A 26 -9.82 -12.82 22.96
CA THR A 26 -10.32 -14.19 22.85
C THR A 26 -11.44 -14.43 23.84
N CYS A 27 -12.54 -15.02 23.35
CA CYS A 27 -13.55 -15.66 24.19
C CYS A 27 -13.62 -17.13 23.81
N GLY A 28 -13.37 -18.02 24.76
CA GLY A 28 -13.34 -19.43 24.46
C GLY A 28 -12.24 -19.74 23.46
N THR A 29 -12.61 -20.19 22.26
CA THR A 29 -11.65 -20.42 21.20
C THR A 29 -11.76 -19.40 20.07
N THR A 30 -12.60 -18.39 20.24
CA THR A 30 -12.79 -17.38 19.20
C THR A 30 -11.83 -16.22 19.49
N THR A 31 -10.89 -16.00 18.57
CA THR A 31 -9.90 -14.95 18.71
C THR A 31 -10.03 -13.98 17.54
N LEU A 32 -10.05 -12.68 17.84
CA LEU A 32 -9.92 -11.68 16.80
C LEU A 32 -9.02 -10.58 17.33
N ASN A 33 -8.99 -9.48 16.59
CA ASN A 33 -8.11 -8.35 16.86
C ASN A 33 -8.88 -7.26 17.59
N GLY A 34 -8.19 -6.56 18.48
CA GLY A 34 -8.75 -5.41 19.14
C GLY A 34 -7.84 -4.22 18.98
N LEU A 35 -8.40 -3.04 19.25
CA LEU A 35 -7.68 -1.77 19.14
C LEU A 35 -7.56 -1.18 20.54
N TRP A 36 -6.32 -0.97 21.00
CA TRP A 36 -6.03 -0.60 22.37
C TRP A 36 -5.63 0.87 22.38
N LEU A 37 -6.54 1.72 22.82
CA LEU A 37 -6.31 3.16 22.92
C LEU A 37 -6.59 3.58 24.36
N ASP A 38 -5.64 4.26 24.98
CA ASP A 38 -5.71 4.58 26.40
C ASP A 38 -6.02 3.29 27.14
N ASP A 39 -7.00 3.24 28.04
CA ASP A 39 -7.30 2.04 28.80
C ASP A 39 -8.54 1.30 28.28
N VAL A 40 -8.84 1.40 26.99
CA VAL A 40 -9.98 0.72 26.40
C VAL A 40 -9.54 -0.06 25.17
N VAL A 41 -10.07 -1.28 25.02
CA VAL A 41 -9.83 -2.12 23.86
C VAL A 41 -11.16 -2.24 23.12
N TYR A 42 -11.17 -1.87 21.83
CA TYR A 42 -12.37 -1.95 20.99
C TYR A 42 -12.26 -3.15 20.06
N CYS A 43 -13.34 -3.90 19.91
CA CYS A 43 -13.27 -5.06 19.03
C CYS A 43 -14.68 -5.45 18.60
N PRO A 44 -14.83 -6.25 17.54
CA PRO A 44 -16.17 -6.67 17.11
C PRO A 44 -16.86 -7.49 18.18
N ARG A 45 -18.14 -7.20 18.40
CA ARG A 45 -18.86 -7.90 19.47
C ARG A 45 -19.05 -9.39 19.20
N HIS A 46 -18.88 -9.86 17.97
CA HIS A 46 -19.10 -11.28 17.73
C HIS A 46 -17.97 -12.17 18.23
N VAL A 47 -16.92 -11.60 18.84
CA VAL A 47 -15.94 -12.42 19.53
C VAL A 47 -16.59 -13.25 20.63
N ILE A 48 -17.72 -12.78 21.18
CA ILE A 48 -18.42 -13.51 22.23
C ILE A 48 -19.34 -14.59 21.70
N CYS A 49 -19.34 -14.83 20.39
CA CYS A 49 -20.18 -15.85 19.77
C CYS A 49 -19.44 -17.17 19.63
N THR A 50 -20.11 -18.25 20.03
CA THR A 50 -19.71 -19.57 19.60
C THR A 50 -19.90 -19.69 18.10
N SER A 51 -19.15 -20.62 17.50
CA SER A 51 -19.25 -20.85 16.06
C SER A 51 -20.69 -21.07 15.61
N GLU A 52 -21.49 -21.75 16.43
CA GLU A 52 -22.87 -22.05 16.08
C GLU A 52 -23.85 -20.95 16.48
N ASP A 53 -23.48 -20.04 17.38
CA ASP A 53 -24.40 -18.96 17.74
C ASP A 53 -24.32 -17.78 16.79
N MET A 54 -23.38 -17.78 15.84
CA MET A 54 -23.33 -16.72 14.84
C MET A 54 -24.52 -16.75 13.87
N LEU A 55 -25.38 -17.78 13.93
CA LEU A 55 -26.50 -17.86 12.98
C LEU A 55 -27.61 -16.87 13.34
N ASN A 56 -28.12 -16.93 14.57
CA ASN A 56 -29.09 -15.97 15.08
C ASN A 56 -28.65 -15.54 16.47
N PRO A 57 -27.57 -14.76 16.57
CA PRO A 57 -27.05 -14.42 17.89
C PRO A 57 -27.93 -13.42 18.61
N ASN A 58 -28.14 -13.67 19.90
CA ASN A 58 -28.78 -12.72 20.80
C ASN A 58 -27.64 -12.09 21.61
N TYR A 59 -27.10 -10.98 21.10
CA TYR A 59 -25.92 -10.38 21.71
C TYR A 59 -26.20 -9.87 23.10
N GLU A 60 -27.41 -9.36 23.36
CA GLU A 60 -27.73 -8.87 24.69
C GLU A 60 -27.68 -10.00 25.71
N ASP A 61 -28.18 -11.18 25.33
CA ASP A 61 -28.19 -12.31 26.25
C ASP A 61 -26.84 -13.00 26.32
N LEU A 62 -26.07 -12.98 25.23
CA LEU A 62 -24.73 -13.53 25.30
C LEU A 62 -23.85 -12.68 26.20
N LEU A 63 -24.01 -11.35 26.16
CA LEU A 63 -23.16 -10.46 26.96
C LEU A 63 -23.54 -10.51 28.43
N ILE A 64 -24.82 -10.72 28.74
CA ILE A 64 -25.21 -10.79 30.14
C ILE A 64 -24.63 -12.03 30.81
N ARG A 65 -24.27 -13.04 30.02
CA ARG A 65 -23.60 -14.23 30.55
C ARG A 65 -22.12 -13.99 30.81
N LYS A 66 -21.54 -12.94 30.25
CA LYS A 66 -20.10 -12.74 30.32
C LYS A 66 -19.72 -11.87 31.51
N SER A 67 -18.55 -12.15 32.07
CA SER A 67 -17.94 -11.33 33.09
C SER A 67 -16.58 -10.85 32.60
N ASN A 68 -16.01 -9.89 33.32
CA ASN A 68 -14.70 -9.36 32.94
C ASN A 68 -13.68 -10.49 32.79
N HIS A 69 -13.74 -11.51 33.64
CA HIS A 69 -12.71 -12.54 33.65
C HIS A 69 -12.86 -13.57 32.55
N ASN A 70 -13.92 -13.50 31.74
CA ASN A 70 -14.05 -14.36 30.58
C ASN A 70 -13.30 -13.84 29.35
N PHE A 71 -12.78 -12.61 29.40
CA PHE A 71 -12.17 -11.97 28.24
C PHE A 71 -10.65 -12.06 28.33
N LEU A 72 -10.03 -12.73 27.36
CA LEU A 72 -8.57 -12.83 27.29
C LEU A 72 -8.07 -11.79 26.29
N VAL A 73 -7.47 -10.72 26.82
CA VAL A 73 -6.90 -9.65 26.00
C VAL A 73 -5.39 -9.74 26.11
N GLN A 74 -4.71 -9.85 24.97
CA GLN A 74 -3.27 -10.05 24.98
C GLN A 74 -2.60 -9.07 24.03
N ALA A 75 -1.56 -8.39 24.51
CA ALA A 75 -0.63 -7.64 23.67
C ALA A 75 0.54 -8.57 23.44
N GLY A 76 0.55 -9.25 22.29
CA GLY A 76 1.47 -10.35 22.12
C GLY A 76 1.11 -11.49 23.05
N ASN A 77 2.03 -11.92 23.90
CA ASN A 77 1.73 -12.93 24.90
C ASN A 77 1.51 -12.33 26.29
N VAL A 78 1.46 -11.01 26.41
CA VAL A 78 1.27 -10.34 27.68
C VAL A 78 -0.22 -10.07 27.85
N GLN A 79 -0.80 -10.60 28.92
CA GLN A 79 -2.25 -10.45 29.13
C GLN A 79 -2.56 -9.09 29.74
N LEU A 80 -3.61 -8.45 29.25
CA LEU A 80 -4.13 -7.23 29.84
C LEU A 80 -5.40 -7.56 30.61
N ARG A 81 -5.42 -7.17 31.88
CA ARG A 81 -6.55 -7.45 32.76
C ARG A 81 -7.76 -6.62 32.36
N VAL A 82 -8.90 -7.27 32.09
CA VAL A 82 -10.14 -6.55 31.79
C VAL A 82 -10.83 -6.17 33.09
N ILE A 83 -11.19 -4.90 33.22
CA ILE A 83 -11.84 -4.38 34.43
C ILE A 83 -13.21 -3.77 34.14
N GLY A 84 -13.70 -3.90 32.92
CA GLY A 84 -15.01 -3.40 32.57
C GLY A 84 -15.35 -3.81 31.16
N HIS A 85 -16.62 -4.08 30.89
CA HIS A 85 -17.03 -4.40 29.52
C HIS A 85 -18.38 -3.79 29.24
N SER A 86 -18.57 -3.35 28.00
CA SER A 86 -19.86 -2.84 27.57
C SER A 86 -19.94 -2.94 26.05
N MET A 87 -21.17 -2.94 25.54
CA MET A 87 -21.44 -3.08 24.12
C MET A 87 -21.97 -1.76 23.59
N GLN A 88 -21.37 -1.28 22.51
CA GLN A 88 -21.88 -0.10 21.81
C GLN A 88 -22.15 -0.52 20.37
N ASN A 89 -23.44 -0.67 20.05
CA ASN A 89 -23.85 -1.20 18.75
C ASN A 89 -23.13 -2.52 18.50
N CYS A 90 -22.37 -2.62 17.41
CA CYS A 90 -21.72 -3.87 17.06
C CYS A 90 -20.29 -3.96 17.57
N VAL A 91 -19.88 -3.07 18.46
CA VAL A 91 -18.51 -3.06 18.98
C VAL A 91 -18.55 -3.29 20.49
N LEU A 92 -17.61 -4.10 20.95
CA LEU A 92 -17.39 -4.36 22.37
C LEU A 92 -16.26 -3.46 22.86
N LYS A 93 -16.48 -2.77 23.98
CA LYS A 93 -15.44 -1.95 24.61
C LYS A 93 -15.02 -2.64 25.89
N LEU A 94 -13.74 -3.00 25.98
CA LEU A 94 -13.19 -3.69 27.13
C LEU A 94 -12.24 -2.73 27.83
N LYS A 95 -12.60 -2.28 29.02
CA LYS A 95 -11.70 -1.46 29.81
C LYS A 95 -10.63 -2.37 30.42
N VAL A 96 -9.38 -1.95 30.33
CA VAL A 96 -8.25 -2.72 30.83
C VAL A 96 -7.53 -1.89 31.87
N ASP A 97 -6.68 -2.56 32.66
CA ASP A 97 -6.06 -1.86 33.78
C ASP A 97 -4.80 -1.09 33.39
N THR A 98 -4.43 -1.09 32.10
CA THR A 98 -3.22 -0.41 31.64
C THR A 98 -3.55 0.54 30.51
N ALA A 99 -3.08 1.79 30.61
CA ALA A 99 -3.21 2.74 29.52
C ALA A 99 -2.11 2.49 28.50
N ASN A 100 -2.49 2.31 27.22
CA ASN A 100 -1.51 2.03 26.17
C ASN A 100 -0.49 3.16 26.06
N PRO A 101 0.78 2.93 26.41
CA PRO A 101 1.78 4.00 26.27
C PRO A 101 2.02 4.42 24.83
N LYS A 102 1.58 3.63 23.86
CA LYS A 102 1.77 3.94 22.45
C LYS A 102 0.54 4.57 21.82
N THR A 103 -0.44 4.94 22.64
CA THR A 103 -1.65 5.57 22.13
C THR A 103 -1.27 6.82 21.36
N PRO A 104 -1.63 6.94 20.08
CA PRO A 104 -1.39 8.18 19.35
C PRO A 104 -2.48 9.18 19.66
N LYS A 105 -2.29 10.40 19.17
CA LYS A 105 -3.43 11.30 19.08
C LYS A 105 -4.40 10.69 18.06
N TYR A 106 -5.68 10.65 18.41
CA TYR A 106 -6.63 9.96 17.54
C TYR A 106 -8.00 10.61 17.63
N LYS A 107 -8.84 10.25 16.66
CA LYS A 107 -10.26 10.53 16.70
C LYS A 107 -10.98 9.41 15.96
N PHE A 108 -12.24 9.25 16.27
CA PHE A 108 -13.12 8.31 15.57
C PHE A 108 -13.95 9.09 14.56
N VAL A 109 -13.92 8.66 13.29
CA VAL A 109 -14.67 9.35 12.24
C VAL A 109 -15.50 8.34 11.46
N ARG A 110 -16.63 8.82 10.94
CA ARG A 110 -17.47 8.04 10.04
C ARG A 110 -17.29 8.62 8.66
N ILE A 111 -16.82 7.81 7.72
CA ILE A 111 -16.46 8.31 6.40
C ILE A 111 -17.63 8.10 5.46
N GLN A 112 -17.60 8.81 4.34
CA GLN A 112 -18.50 8.83 3.21
C GLN A 112 -18.08 7.81 2.17
N PRO A 113 -19.03 7.24 1.42
CA PRO A 113 -18.62 6.41 0.27
C PRO A 113 -17.72 7.23 -0.64
N GLY A 114 -16.76 6.54 -1.26
CA GLY A 114 -15.76 7.17 -2.07
C GLY A 114 -14.49 7.54 -1.33
N GLN A 115 -14.58 7.75 -0.02
CA GLN A 115 -13.39 8.10 0.74
C GLN A 115 -12.48 6.88 0.89
N THR A 116 -11.18 7.14 0.90
CA THR A 116 -10.20 6.08 0.99
C THR A 116 -9.54 6.08 2.36
N PHE A 117 -8.88 4.97 2.67
CA PHE A 117 -8.24 4.77 3.95
C PHE A 117 -7.27 3.60 3.81
N SER A 118 -6.24 3.60 4.65
CA SER A 118 -5.36 2.45 4.78
C SER A 118 -5.93 1.44 5.76
N VAL A 119 -5.69 0.16 5.45
CA VAL A 119 -6.11 -0.95 6.29
C VAL A 119 -4.86 -1.67 6.78
N LEU A 120 -4.78 -1.90 8.08
CA LEU A 120 -3.72 -2.70 8.66
C LEU A 120 -4.30 -4.08 8.97
N ALA A 121 -4.04 -5.03 8.08
CA ALA A 121 -4.58 -6.37 8.23
C ALA A 121 -3.80 -7.11 9.32
N CYS A 122 -4.51 -7.58 10.34
CA CYS A 122 -3.91 -8.25 11.49
C CYS A 122 -4.51 -9.62 11.70
N TYR A 123 -3.71 -10.50 12.28
CA TYR A 123 -4.13 -11.85 12.64
C TYR A 123 -3.53 -12.17 14.00
N ASN A 124 -4.38 -12.56 14.95
CA ASN A 124 -3.97 -12.81 16.34
C ASN A 124 -3.25 -11.59 16.91
N GLY A 125 -3.74 -10.41 16.57
CA GLY A 125 -3.16 -9.17 17.05
C GLY A 125 -1.80 -8.86 16.47
N SER A 126 -1.36 -9.58 15.44
CA SER A 126 -0.07 -9.31 14.84
C SER A 126 -0.27 -8.70 13.47
N PRO A 127 0.26 -7.49 13.23
CA PRO A 127 0.10 -6.88 11.90
C PRO A 127 0.76 -7.72 10.82
N SER A 128 0.09 -7.84 9.68
CA SER A 128 0.57 -8.66 8.58
C SER A 128 0.75 -7.91 7.26
N GLY A 129 0.06 -6.80 7.06
CA GLY A 129 0.16 -6.09 5.81
C GLY A 129 -0.69 -4.84 5.87
N VAL A 130 -0.37 -3.91 4.99
CA VAL A 130 -1.07 -2.63 4.92
C VAL A 130 -1.35 -2.30 3.47
N TYR A 131 -2.56 -1.80 3.19
CA TYR A 131 -2.97 -1.47 1.84
C TYR A 131 -4.03 -0.38 1.88
N GLN A 132 -4.23 0.27 0.73
CA GLN A 132 -5.22 1.32 0.59
C GLN A 132 -6.54 0.76 0.05
N CYS A 133 -7.64 1.20 0.66
CA CYS A 133 -8.99 0.78 0.33
C CYS A 133 -9.85 2.00 0.07
N ALA A 134 -10.92 1.81 -0.69
CA ALA A 134 -11.96 2.81 -0.85
C ALA A 134 -13.27 2.25 -0.33
N MET A 135 -14.04 3.09 0.37
CA MET A 135 -15.42 2.74 0.67
C MET A 135 -16.25 2.90 -0.60
N ARG A 136 -16.79 1.79 -1.11
CA ARG A 136 -17.60 1.84 -2.33
C ARG A 136 -18.94 2.53 -2.06
N PRO A 137 -19.61 3.02 -3.12
CA PRO A 137 -20.95 3.60 -2.91
C PRO A 137 -21.97 2.63 -2.33
N ASN A 138 -21.80 1.32 -2.52
CA ASN A 138 -22.68 0.35 -1.89
C ASN A 138 -22.21 -0.04 -0.48
N PHE A 139 -21.27 0.72 0.10
CA PHE A 139 -20.82 0.59 1.50
C PHE A 139 -20.17 -0.76 1.76
N THR A 140 -19.53 -1.33 0.75
CA THR A 140 -18.61 -2.43 0.92
C THR A 140 -17.20 -1.92 0.63
N ILE A 141 -16.20 -2.69 1.02
CA ILE A 141 -14.84 -2.39 0.61
C ILE A 141 -14.28 -3.63 -0.07
N LYS A 142 -13.42 -3.40 -1.06
CA LYS A 142 -12.73 -4.48 -1.75
C LYS A 142 -11.43 -4.74 -1.00
N GLY A 143 -11.54 -5.47 0.09
CA GLY A 143 -10.41 -5.74 0.97
C GLY A 143 -9.69 -7.01 0.62
N SER A 144 -8.80 -7.40 1.52
CA SER A 144 -8.06 -8.66 1.44
C SER A 144 -7.97 -9.15 2.88
N PHE A 145 -8.98 -9.92 3.28
CA PHE A 145 -9.16 -10.35 4.66
C PHE A 145 -9.35 -11.86 4.69
N LEU A 146 -8.65 -12.53 5.59
CA LEU A 146 -8.86 -13.96 5.75
C LEU A 146 -9.50 -14.22 7.11
N ASN A 147 -9.67 -15.50 7.44
CA ASN A 147 -10.16 -15.87 8.77
C ASN A 147 -9.26 -15.23 9.83
N GLY A 148 -9.88 -14.74 10.89
CA GLY A 148 -9.14 -14.15 12.00
C GLY A 148 -8.73 -12.71 11.82
N SER A 149 -9.10 -12.06 10.72
CA SER A 149 -8.78 -10.66 10.46
C SER A 149 -9.77 -9.68 11.09
N CYS A 150 -10.90 -10.14 11.61
CA CYS A 150 -11.86 -9.21 12.20
C CYS A 150 -11.20 -8.40 13.31
N GLY A 151 -11.63 -7.14 13.42
CA GLY A 151 -11.01 -6.20 14.31
C GLY A 151 -9.87 -5.41 13.70
N SER A 152 -9.34 -5.85 12.56
CA SER A 152 -8.44 -5.02 11.76
C SER A 152 -9.13 -3.68 11.49
N VAL A 153 -8.36 -2.59 11.53
CA VAL A 153 -8.96 -1.27 11.38
C VAL A 153 -8.48 -0.58 10.10
N GLY A 154 -9.29 0.38 9.66
CA GLY A 154 -8.93 1.28 8.58
C GLY A 154 -8.83 2.69 9.12
N PHE A 155 -7.91 3.48 8.56
CA PHE A 155 -7.54 4.74 9.19
C PHE A 155 -6.92 5.70 8.17
N ASN A 156 -6.99 6.99 8.49
CA ASN A 156 -6.20 8.02 7.84
C ASN A 156 -5.34 8.72 8.89
N ILE A 157 -4.27 9.35 8.44
CA ILE A 157 -3.40 10.13 9.33
C ILE A 157 -3.27 11.53 8.76
N ASP A 158 -3.60 12.53 9.57
CA ASP A 158 -3.40 13.94 9.24
C ASP A 158 -2.43 14.53 10.26
N TYR A 159 -1.24 14.90 9.81
CA TYR A 159 -0.16 15.36 10.66
C TYR A 159 0.19 14.31 11.71
N ASP A 160 -0.22 14.51 12.96
CA ASP A 160 0.08 13.55 14.01
C ASP A 160 -1.13 12.74 14.46
N CYS A 161 -2.30 12.95 13.87
CA CYS A 161 -3.55 12.46 14.44
C CYS A 161 -4.12 11.35 13.56
N VAL A 162 -4.36 10.19 14.15
CA VAL A 162 -4.95 9.05 13.45
C VAL A 162 -6.46 9.14 13.55
N SER A 163 -7.12 9.28 12.40
CA SER A 163 -8.59 9.18 12.33
C SER A 163 -8.95 7.73 12.00
N PHE A 164 -9.48 7.02 12.99
CA PHE A 164 -9.93 5.65 12.75
C PHE A 164 -11.31 5.69 12.11
N CYS A 165 -11.47 5.00 10.98
CA CYS A 165 -12.76 5.05 10.30
C CYS A 165 -13.40 3.70 10.02
N TYR A 166 -12.72 2.57 10.24
CA TYR A 166 -13.28 1.29 9.85
C TYR A 166 -12.78 0.22 10.80
N MET A 167 -13.66 -0.73 11.14
CA MET A 167 -13.28 -1.96 11.83
C MET A 167 -13.91 -3.13 11.09
N HIS A 168 -13.13 -4.17 10.82
CA HIS A 168 -13.58 -5.22 9.91
C HIS A 168 -14.41 -6.27 10.64
N HIS A 169 -15.56 -6.66 10.01
CA HIS A 169 -16.47 -7.64 10.61
C HIS A 169 -16.80 -8.84 9.74
N MET A 170 -16.91 -8.68 8.42
CA MET A 170 -17.48 -9.79 7.66
C MET A 170 -17.16 -9.72 6.17
N GLU A 171 -17.30 -10.87 5.52
CA GLU A 171 -17.14 -11.04 4.09
C GLU A 171 -18.47 -11.45 3.47
N LEU A 172 -18.80 -10.83 2.34
CA LEU A 172 -20.03 -11.04 1.60
C LEU A 172 -19.80 -12.04 0.48
N PRO A 173 -20.88 -12.64 -0.05
CA PRO A 173 -20.70 -13.72 -1.05
C PRO A 173 -19.83 -13.36 -2.24
N THR A 174 -19.88 -12.11 -2.70
CA THR A 174 -19.05 -11.68 -3.82
C THR A 174 -17.58 -11.45 -3.43
N GLY A 175 -17.19 -11.79 -2.21
CA GLY A 175 -15.81 -11.60 -1.79
C GLY A 175 -15.46 -10.20 -1.34
N VAL A 176 -16.44 -9.29 -1.25
CA VAL A 176 -16.18 -7.96 -0.72
C VAL A 176 -16.49 -7.99 0.77
N HIS A 177 -16.14 -6.92 1.47
CA HIS A 177 -16.14 -6.95 2.93
C HIS A 177 -16.98 -5.82 3.49
N ALA A 178 -17.36 -5.98 4.76
CA ALA A 178 -18.22 -5.02 5.43
C ALA A 178 -17.80 -4.90 6.88
N GLY A 179 -18.10 -3.74 7.45
CA GLY A 179 -17.67 -3.47 8.81
C GLY A 179 -18.34 -2.21 9.32
N THR A 180 -17.82 -1.73 10.45
CA THR A 180 -18.42 -0.62 11.21
C THR A 180 -17.44 0.54 11.32
N ASP A 181 -17.95 1.67 11.79
CA ASP A 181 -17.06 2.69 12.32
C ASP A 181 -16.67 2.27 13.74
N LEU A 182 -15.84 3.08 14.38
CA LEU A 182 -15.37 2.68 15.71
C LEU A 182 -16.41 2.91 16.79
N GLU A 183 -17.60 3.40 16.45
CA GLU A 183 -18.73 3.41 17.36
C GLU A 183 -19.63 2.21 17.16
N GLY A 184 -19.25 1.27 16.29
CA GLY A 184 -19.97 0.04 16.12
C GLY A 184 -21.10 0.09 15.13
N ASN A 185 -21.26 1.19 14.38
CA ASN A 185 -22.34 1.34 13.42
C ASN A 185 -21.89 0.86 12.06
N PHE A 186 -22.55 -0.17 11.54
CA PHE A 186 -22.17 -0.71 10.24
C PHE A 186 -22.24 0.36 9.17
N TYR A 187 -21.30 0.30 8.24
CA TYR A 187 -21.49 0.97 6.96
C TYR A 187 -22.43 0.11 6.12
N GLY A 188 -23.49 0.72 5.62
CA GLY A 188 -24.43 -0.01 4.80
C GLY A 188 -25.46 -0.79 5.59
N PRO A 189 -26.27 -1.58 4.87
CA PRO A 189 -27.40 -2.27 5.51
C PRO A 189 -27.05 -3.66 6.03
N PHE A 190 -25.83 -3.87 6.49
CA PHE A 190 -25.38 -5.20 6.91
C PHE A 190 -25.52 -5.37 8.42
N VAL A 191 -25.55 -6.64 8.84
CA VAL A 191 -25.71 -7.04 10.24
C VAL A 191 -24.69 -8.13 10.54
N ASP A 192 -24.20 -8.16 11.79
CA ASP A 192 -23.18 -9.14 12.17
C ASP A 192 -23.87 -10.45 12.55
N ARG A 193 -24.46 -11.08 11.54
CA ARG A 193 -25.06 -12.40 11.66
C ARG A 193 -24.68 -13.21 10.44
N GLN A 194 -24.35 -14.49 10.67
CA GLN A 194 -23.94 -15.37 9.58
C GLN A 194 -25.19 -15.88 8.87
N THR A 195 -25.80 -14.97 8.10
CA THR A 195 -26.97 -15.24 7.29
C THR A 195 -26.68 -14.77 5.86
N ALA A 196 -27.64 -14.98 4.97
CA ALA A 196 -27.50 -14.58 3.59
C ALA A 196 -27.65 -13.06 3.49
N GLN A 197 -26.61 -12.39 3.02
CA GLN A 197 -26.64 -10.96 2.79
C GLN A 197 -25.91 -10.67 1.49
N ALA A 198 -26.30 -9.59 0.82
CA ALA A 198 -25.75 -9.27 -0.49
C ALA A 198 -25.49 -7.79 -0.61
N ALA A 199 -24.35 -7.45 -1.19
CA ALA A 199 -24.09 -6.06 -1.55
C ALA A 199 -25.04 -5.62 -2.64
N GLY A 200 -25.58 -4.41 -2.50
CA GLY A 200 -26.26 -3.78 -3.61
C GLY A 200 -25.32 -3.57 -4.79
N THR A 201 -25.91 -3.23 -5.94
CA THR A 201 -25.11 -3.02 -7.13
C THR A 201 -24.27 -1.75 -6.98
N ASP A 202 -23.01 -1.84 -7.35
CA ASP A 202 -22.06 -0.76 -7.10
C ASP A 202 -22.14 0.31 -8.20
N THR A 203 -21.54 1.46 -7.92
CA THR A 203 -21.42 2.53 -8.90
C THR A 203 -20.02 3.12 -8.83
N THR A 204 -19.67 3.88 -9.86
CA THR A 204 -18.35 4.48 -9.97
C THR A 204 -18.31 5.79 -9.19
N ILE A 205 -17.19 6.02 -8.48
CA ILE A 205 -17.05 7.18 -7.59
C ILE A 205 -16.63 8.36 -8.45
N THR A 206 -17.59 9.22 -8.79
CA THR A 206 -17.35 10.26 -9.79
C THR A 206 -16.31 11.28 -9.32
N VAL A 207 -16.41 11.73 -8.07
CA VAL A 207 -15.46 12.73 -7.58
C VAL A 207 -14.04 12.20 -7.65
N ASN A 208 -13.86 10.89 -7.46
CA ASN A 208 -12.52 10.32 -7.51
C ASN A 208 -12.00 10.24 -8.94
N VAL A 209 -12.89 9.90 -9.89
CA VAL A 209 -12.50 9.91 -11.29
C VAL A 209 -12.03 11.29 -11.71
N LEU A 210 -12.76 12.33 -11.30
CA LEU A 210 -12.37 13.69 -11.60
C LEU A 210 -11.01 14.03 -10.99
N ALA A 211 -10.77 13.61 -9.73
CA ALA A 211 -9.46 13.83 -9.13
C ALA A 211 -8.35 13.20 -9.96
N TRP A 212 -8.59 12.00 -10.47
CA TRP A 212 -7.59 11.31 -11.27
C TRP A 212 -7.38 12.00 -12.61
N LEU A 213 -8.44 12.54 -13.20
CA LEU A 213 -8.28 13.36 -14.40
C LEU A 213 -7.43 14.60 -14.11
N TYR A 214 -7.69 15.28 -12.99
CA TYR A 214 -6.84 16.41 -12.62
C TYR A 214 -5.38 15.98 -12.47
N ALA A 215 -5.14 14.82 -11.85
CA ALA A 215 -3.78 14.33 -11.71
C ALA A 215 -3.15 14.07 -13.07
N ALA A 216 -3.93 13.55 -14.02
CA ALA A 216 -3.45 13.40 -15.38
C ALA A 216 -3.02 14.75 -15.96
N VAL A 217 -3.86 15.77 -15.80
CA VAL A 217 -3.55 17.10 -16.33
C VAL A 217 -2.29 17.66 -15.69
N ILE A 218 -2.16 17.51 -14.38
CA ILE A 218 -0.95 18.00 -13.68
C ILE A 218 0.30 17.40 -14.31
N ASN A 219 0.20 16.17 -14.78
CA ASN A 219 1.32 15.46 -15.41
C ASN A 219 1.45 15.75 -16.90
N GLY A 220 0.65 16.64 -17.46
CA GLY A 220 0.75 16.95 -18.88
C GLY A 220 -0.07 16.07 -19.80
N ASP A 221 -0.92 15.20 -19.25
CA ASP A 221 -1.75 14.29 -20.03
C ASP A 221 -3.16 14.88 -20.08
N ARG A 222 -3.47 15.59 -21.16
CA ARG A 222 -4.67 16.42 -21.17
C ARG A 222 -5.41 16.40 -22.51
N TRP A 223 -5.21 15.36 -23.32
CA TRP A 223 -5.92 15.28 -24.60
C TRP A 223 -7.43 15.34 -24.42
N PHE A 224 -7.94 14.88 -23.27
CA PHE A 224 -9.38 14.76 -23.02
C PHE A 224 -10.05 16.07 -22.63
N LEU A 225 -9.30 17.13 -22.36
CA LEU A 225 -9.94 18.42 -22.13
C LEU A 225 -10.64 18.88 -23.39
N ASN A 226 -11.91 19.28 -23.26
CA ASN A 226 -12.67 19.78 -24.39
C ASN A 226 -12.97 21.26 -24.21
N ARG A 227 -13.74 21.82 -25.14
CA ARG A 227 -14.08 23.23 -25.13
C ARG A 227 -15.46 23.51 -24.53
N PHE A 228 -16.07 22.53 -23.88
CA PHE A 228 -17.44 22.61 -23.38
C PHE A 228 -17.46 22.77 -21.86
N THR A 229 -18.64 23.09 -21.35
CA THR A 229 -18.92 23.07 -19.92
C THR A 229 -20.30 22.45 -19.72
N THR A 230 -20.70 22.34 -18.46
CA THR A 230 -22.00 21.78 -18.15
C THR A 230 -22.46 22.37 -16.83
N THR A 231 -23.74 22.17 -16.51
CA THR A 231 -24.21 22.47 -15.17
C THR A 231 -24.04 21.22 -14.31
N LEU A 232 -23.94 21.43 -12.99
CA LEU A 232 -23.82 20.30 -12.09
C LEU A 232 -25.03 19.39 -12.20
N ASN A 233 -26.21 19.99 -12.28
CA ASN A 233 -27.43 19.18 -12.31
C ASN A 233 -27.52 18.37 -13.60
N ASP A 234 -27.20 18.97 -14.74
CA ASP A 234 -27.24 18.22 -15.97
C ASP A 234 -26.22 17.09 -15.95
N PHE A 235 -25.02 17.36 -15.44
CA PHE A 235 -23.99 16.33 -15.36
C PHE A 235 -24.41 15.18 -14.45
N ASN A 236 -25.00 15.49 -13.29
CA ASN A 236 -25.45 14.42 -12.38
C ASN A 236 -26.48 13.51 -13.05
N LEU A 237 -27.44 14.11 -13.77
CA LEU A 237 -28.48 13.32 -14.41
C LEU A 237 -27.89 12.42 -15.49
N VAL A 238 -26.92 12.92 -16.24
CA VAL A 238 -26.27 12.09 -17.25
C VAL A 238 -25.41 11.02 -16.60
N ALA A 239 -24.67 11.38 -15.55
CA ALA A 239 -23.75 10.44 -14.92
C ALA A 239 -24.48 9.22 -14.37
N MET A 240 -25.61 9.44 -13.70
CA MET A 240 -26.39 8.31 -13.20
C MET A 240 -26.74 7.33 -14.32
N LYS A 241 -26.92 7.82 -15.55
CA LYS A 241 -27.25 6.91 -16.65
C LYS A 241 -26.10 5.98 -16.99
N TYR A 242 -24.88 6.31 -16.58
CA TYR A 242 -23.72 5.47 -16.82
C TYR A 242 -23.26 4.77 -15.54
N ASN A 243 -24.12 4.72 -14.52
CA ASN A 243 -23.82 4.09 -13.24
C ASN A 243 -22.66 4.79 -12.52
N TYR A 244 -22.58 6.10 -12.69
CA TYR A 244 -21.67 6.98 -11.97
C TYR A 244 -22.45 7.66 -10.85
N GLU A 245 -21.78 7.89 -9.73
CA GLU A 245 -22.41 8.61 -8.62
C GLU A 245 -22.65 10.07 -8.99
N PRO A 246 -23.71 10.68 -8.46
CA PRO A 246 -23.85 12.13 -8.60
C PRO A 246 -22.88 12.86 -7.69
N LEU A 247 -22.54 14.07 -8.07
CA LEU A 247 -21.67 14.91 -7.26
C LEU A 247 -22.50 15.69 -6.24
N THR A 248 -21.91 15.90 -5.07
CA THR A 248 -22.47 16.77 -4.04
C THR A 248 -21.78 18.13 -4.10
N GLN A 249 -22.34 19.09 -3.36
CA GLN A 249 -21.66 20.38 -3.24
C GLN A 249 -20.31 20.24 -2.54
N ASP A 250 -20.19 19.32 -1.58
CA ASP A 250 -18.91 19.08 -0.93
C ASP A 250 -17.90 18.51 -1.92
N HIS A 251 -18.36 17.68 -2.85
CA HIS A 251 -17.49 17.12 -3.88
C HIS A 251 -16.91 18.21 -4.76
N VAL A 252 -17.76 19.17 -5.17
CA VAL A 252 -17.28 20.31 -5.95
C VAL A 252 -16.23 21.07 -5.16
N ASP A 253 -16.41 21.19 -3.84
CA ASP A 253 -15.47 21.98 -3.04
C ASP A 253 -14.16 21.25 -2.79
N ILE A 254 -14.18 19.93 -2.58
CA ILE A 254 -12.91 19.27 -2.32
C ILE A 254 -12.07 19.12 -3.58
N LEU A 255 -12.66 19.32 -4.76
CA LEU A 255 -11.91 19.42 -6.01
C LEU A 255 -11.32 20.81 -6.21
N GLY A 256 -11.65 21.77 -5.35
CA GLY A 256 -11.18 23.13 -5.46
C GLY A 256 -9.68 23.27 -5.61
N PRO A 257 -8.91 22.69 -4.69
CA PRO A 257 -7.45 22.79 -4.82
C PRO A 257 -6.90 22.29 -6.15
N LEU A 258 -7.43 21.19 -6.68
CA LEU A 258 -6.93 20.69 -7.95
C LEU A 258 -7.37 21.59 -9.09
N SER A 259 -8.60 22.11 -9.01
CA SER A 259 -9.06 23.05 -10.02
C SER A 259 -8.17 24.29 -10.07
N ALA A 260 -7.77 24.80 -8.90
CA ALA A 260 -6.95 26.01 -8.86
C ALA A 260 -5.56 25.74 -9.41
N GLN A 261 -4.97 24.59 -9.05
CA GLN A 261 -3.62 24.27 -9.48
C GLN A 261 -3.52 24.14 -10.99
N THR A 262 -4.53 23.52 -11.62
CA THR A 262 -4.53 23.30 -13.04
C THR A 262 -5.20 24.42 -13.82
N GLY A 263 -5.98 25.27 -13.15
CA GLY A 263 -6.72 26.30 -13.85
C GLY A 263 -7.93 25.79 -14.63
N ILE A 264 -8.35 24.55 -14.40
CA ILE A 264 -9.47 23.95 -15.13
C ILE A 264 -10.66 23.88 -14.19
N ALA A 265 -11.73 24.59 -14.55
CA ALA A 265 -12.91 24.65 -13.70
C ALA A 265 -13.52 23.27 -13.51
N VAL A 266 -14.09 23.05 -12.33
CA VAL A 266 -14.66 21.75 -12.00
C VAL A 266 -15.69 21.36 -13.06
N LEU A 267 -16.58 22.28 -13.42
CA LEU A 267 -17.64 21.96 -14.37
C LEU A 267 -17.11 21.74 -15.78
N ASP A 268 -16.00 22.38 -16.13
CA ASP A 268 -15.34 22.04 -17.40
C ASP A 268 -14.78 20.62 -17.37
N MET A 269 -14.21 20.20 -16.24
CA MET A 269 -13.74 18.83 -16.13
C MET A 269 -14.91 17.83 -16.16
N CYS A 270 -16.05 18.21 -15.58
CA CYS A 270 -17.24 17.38 -15.67
C CYS A 270 -17.67 17.18 -17.12
N ALA A 271 -17.58 18.24 -17.94
CA ALA A 271 -17.97 18.11 -19.35
C ALA A 271 -16.99 17.21 -20.10
N SER A 272 -15.71 17.25 -19.74
CA SER A 272 -14.74 16.37 -20.40
C SER A 272 -14.99 14.92 -20.03
N LEU A 273 -15.29 14.64 -18.76
CA LEU A 273 -15.65 13.30 -18.35
C LEU A 273 -16.93 12.83 -19.03
N LYS A 274 -17.94 13.70 -19.11
CA LYS A 274 -19.16 13.35 -19.81
C LYS A 274 -18.88 12.91 -21.25
N GLU A 275 -17.95 13.60 -21.92
CA GLU A 275 -17.56 13.19 -23.27
C GLU A 275 -16.91 11.81 -23.26
N LEU A 276 -16.05 11.55 -22.27
CA LEU A 276 -15.41 10.25 -22.16
C LEU A 276 -16.44 9.14 -21.91
N LEU A 277 -17.53 9.47 -21.22
CA LEU A 277 -18.59 8.50 -21.00
C LEU A 277 -19.41 8.29 -22.26
N GLN A 278 -19.82 9.39 -22.91
CA GLN A 278 -20.70 9.26 -24.07
C GLN A 278 -19.96 8.70 -25.28
N ASN A 279 -18.74 9.18 -25.54
CA ASN A 279 -17.90 8.59 -26.56
C ASN A 279 -17.00 7.55 -25.90
N GLY A 280 -16.18 6.87 -26.70
CA GLY A 280 -15.18 5.99 -26.14
C GLY A 280 -13.99 6.78 -25.60
N MET A 281 -12.95 6.04 -25.24
CA MET A 281 -11.63 6.63 -25.10
C MET A 281 -10.85 6.58 -26.39
N ASN A 282 -11.45 6.06 -27.47
CA ASN A 282 -10.84 6.00 -28.80
C ASN A 282 -9.51 5.26 -28.77
N GLY A 283 -9.44 4.22 -27.94
CA GLY A 283 -8.21 3.45 -27.79
C GLY A 283 -7.05 4.23 -27.24
N ARG A 284 -7.29 5.38 -26.61
CA ARG A 284 -6.24 6.18 -26.02
C ARG A 284 -6.16 5.93 -24.53
N THR A 285 -5.05 6.33 -23.93
CA THR A 285 -4.79 6.08 -22.52
C THR A 285 -4.76 7.39 -21.75
N ILE A 286 -4.99 7.28 -20.44
CA ILE A 286 -4.86 8.40 -19.51
C ILE A 286 -4.00 7.92 -18.35
N LEU A 287 -2.83 8.54 -18.19
CA LEU A 287 -1.86 8.11 -17.18
C LEU A 287 -1.52 6.63 -17.36
N GLY A 288 -1.37 6.20 -18.61
CA GLY A 288 -0.98 4.84 -18.88
C GLY A 288 -2.05 3.80 -18.62
N SER A 289 -3.31 4.21 -18.50
CA SER A 289 -4.41 3.29 -18.22
C SER A 289 -5.52 3.49 -19.23
N ALA A 290 -6.03 2.38 -19.78
CA ALA A 290 -7.20 2.43 -20.63
C ALA A 290 -8.50 2.51 -19.82
N LEU A 291 -8.41 2.37 -18.51
CA LEU A 291 -9.57 2.44 -17.62
C LEU A 291 -9.51 3.74 -16.81
N LEU A 292 -10.69 4.26 -16.46
CA LEU A 292 -10.77 5.39 -15.55
C LEU A 292 -10.69 4.89 -14.11
N GLU A 293 -9.75 5.44 -13.33
CA GLU A 293 -9.53 5.02 -11.95
C GLU A 293 -10.42 5.81 -10.99
N ASP A 294 -11.04 5.11 -10.02
CA ASP A 294 -11.95 5.81 -9.13
C ASP A 294 -11.66 5.58 -7.66
N GLU A 295 -10.46 5.09 -7.31
CA GLU A 295 -10.11 4.91 -5.91
C GLU A 295 -8.99 5.85 -5.46
N PHE A 296 -8.86 7.02 -6.09
CA PHE A 296 -8.01 8.11 -5.62
C PHE A 296 -8.89 9.31 -5.29
N THR A 297 -8.94 9.70 -4.02
CA THR A 297 -9.65 10.93 -3.65
C THR A 297 -8.86 12.17 -4.07
N PRO A 298 -9.51 13.34 -4.07
CA PRO A 298 -8.74 14.59 -4.25
C PRO A 298 -7.59 14.73 -3.26
N PHE A 299 -7.79 14.30 -2.02
CA PHE A 299 -6.73 14.38 -1.01
C PHE A 299 -5.59 13.43 -1.34
N ASP A 300 -5.90 12.23 -1.81
CA ASP A 300 -4.86 11.29 -2.22
C ASP A 300 -3.99 11.89 -3.32
N VAL A 301 -4.61 12.61 -4.26
CA VAL A 301 -3.85 13.22 -5.36
C VAL A 301 -2.88 14.26 -4.81
N VAL A 302 -3.39 15.17 -3.97
CA VAL A 302 -2.57 16.24 -3.43
C VAL A 302 -1.42 15.67 -2.59
N ARG A 303 -1.74 14.77 -1.66
CA ARG A 303 -0.70 14.29 -0.75
C ARG A 303 0.36 13.48 -1.48
N GLN A 304 -0.02 12.72 -2.51
CA GLN A 304 1.00 11.98 -3.25
C GLN A 304 1.76 12.88 -4.21
N CYS A 305 1.08 13.84 -4.83
CA CYS A 305 1.74 14.71 -5.80
C CYS A 305 2.65 15.74 -5.13
N SER A 306 2.48 16.00 -3.83
CA SER A 306 3.29 16.98 -3.13
C SER A 306 4.01 16.42 -1.91
N GLY A 307 3.87 15.14 -1.60
CA GLY A 307 4.68 14.47 -0.57
C GLY A 307 4.44 14.91 0.86
N VAL A 308 3.18 14.91 1.29
CA VAL A 308 2.85 15.28 2.67
C VAL A 308 3.40 14.23 3.62
N THR A 309 3.91 14.69 4.77
CA THR A 309 4.32 13.78 5.85
C THR A 309 3.36 13.91 7.03
N PHE B 8 -7.76 -8.78 -4.71
CA PHE B 8 -6.33 -9.06 -4.64
C PHE B 8 -5.51 -7.79 -4.78
N ARG B 9 -4.98 -7.31 -3.66
CA ARG B 9 -4.33 -6.01 -3.58
C ARG B 9 -2.83 -6.18 -3.40
N LYS B 10 -2.07 -5.26 -3.99
CA LYS B 10 -0.68 -5.10 -3.59
C LYS B 10 -0.64 -4.74 -2.12
N MET B 11 0.01 -5.57 -1.33
CA MET B 11 0.08 -5.40 0.11
C MET B 11 1.52 -5.14 0.50
N ALA B 12 1.75 -4.08 1.27
CA ALA B 12 3.07 -3.81 1.80
C ALA B 12 3.19 -4.39 3.20
N PHE B 13 4.43 -4.58 3.64
CA PHE B 13 4.66 -4.95 5.02
C PHE B 13 4.31 -3.76 5.93
N PRO B 14 3.87 -4.03 7.15
CA PRO B 14 3.69 -2.93 8.10
C PRO B 14 5.04 -2.25 8.33
N SER B 15 5.02 -0.92 8.40
CA SER B 15 6.24 -0.12 8.32
C SER B 15 6.75 0.36 9.67
N GLY B 16 6.08 0.01 10.76
CA GLY B 16 6.45 0.54 12.07
C GLY B 16 7.91 0.30 12.43
N LYS B 17 8.42 -0.91 12.18
CA LYS B 17 9.79 -1.21 12.58
C LYS B 17 10.81 -0.34 11.83
N VAL B 18 10.46 0.10 10.62
CA VAL B 18 11.36 0.95 9.84
C VAL B 18 11.14 2.43 10.15
N GLU B 19 9.90 2.84 10.42
CA GLU B 19 9.64 4.22 10.79
C GLU B 19 10.49 4.66 11.98
N GLY B 20 10.67 3.76 12.95
CA GLY B 20 11.49 4.09 14.11
C GLY B 20 12.96 4.31 13.82
N CYS B 21 13.40 4.08 12.58
CA CYS B 21 14.79 4.23 12.21
C CYS B 21 15.06 5.44 11.32
N MET B 22 14.03 6.14 10.85
CA MET B 22 14.23 7.21 9.89
C MET B 22 14.67 8.47 10.61
N VAL B 23 15.71 9.11 10.08
CA VAL B 23 16.17 10.41 10.56
C VAL B 23 16.47 11.29 9.35
N GLN B 24 16.68 12.57 9.63
CA GLN B 24 16.99 13.56 8.62
C GLN B 24 18.48 13.86 8.69
N VAL B 25 19.13 13.99 7.52
CA VAL B 25 20.54 14.31 7.39
C VAL B 25 20.69 15.51 6.47
N THR B 26 21.55 16.45 6.85
CA THR B 26 21.72 17.68 6.10
C THR B 26 23.19 18.06 6.06
N CYS B 27 23.65 18.49 4.89
CA CYS B 27 24.94 19.14 4.69
C CYS B 27 24.65 20.38 3.88
N GLY B 28 24.99 21.55 4.40
CA GLY B 28 24.67 22.78 3.69
C GLY B 28 23.19 22.91 3.46
N THR B 29 22.77 22.95 2.19
CA THR B 29 21.37 23.09 1.82
C THR B 29 20.78 21.81 1.23
N THR B 30 21.52 20.70 1.25
CA THR B 30 21.04 19.41 0.76
C THR B 30 20.50 18.61 1.94
N THR B 31 19.24 18.21 1.86
CA THR B 31 18.61 17.42 2.90
C THR B 31 18.10 16.11 2.30
N LEU B 32 18.32 15.00 3.01
CA LEU B 32 17.66 13.75 2.67
C LEU B 32 17.48 12.95 3.96
N ASN B 33 17.05 11.70 3.82
CA ASN B 33 16.78 10.83 4.95
C ASN B 33 17.96 9.89 5.20
N GLY B 34 18.11 9.48 6.45
CA GLY B 34 19.06 8.45 6.80
C GLY B 34 18.39 7.37 7.62
N LEU B 35 19.02 6.20 7.61
CA LEU B 35 18.55 5.03 8.37
C LEU B 35 19.45 4.85 9.58
N TRP B 36 18.87 4.98 10.77
CA TRP B 36 19.58 4.98 12.05
C TRP B 36 19.44 3.60 12.70
N LEU B 37 20.51 2.81 12.64
CA LEU B 37 20.54 1.48 13.24
C LEU B 37 21.67 1.45 14.27
N ASP B 38 21.31 1.13 15.52
CA ASP B 38 22.22 1.20 16.65
C ASP B 38 22.86 2.59 16.69
N ASP B 39 24.18 2.68 16.54
CA ASP B 39 24.85 3.98 16.63
C ASP B 39 25.40 4.44 15.29
N VAL B 40 24.81 3.97 14.19
CA VAL B 40 25.23 4.36 12.85
C VAL B 40 24.02 4.86 12.07
N VAL B 41 24.21 5.94 11.32
CA VAL B 41 23.22 6.44 10.36
C VAL B 41 23.75 6.18 8.96
N TYR B 42 22.93 5.53 8.13
CA TYR B 42 23.25 5.24 6.74
C TYR B 42 22.47 6.18 5.85
N CYS B 43 23.12 6.75 4.84
CA CYS B 43 22.40 7.67 3.96
C CYS B 43 23.15 7.77 2.64
N PRO B 44 22.48 8.22 1.57
CA PRO B 44 23.18 8.35 0.28
C PRO B 44 24.30 9.37 0.39
N ARG B 45 25.42 9.07 -0.28
CA ARG B 45 26.60 9.93 -0.12
C ARG B 45 26.43 11.28 -0.80
N HIS B 46 25.47 11.42 -1.74
CA HIS B 46 25.37 12.70 -2.43
C HIS B 46 24.75 13.80 -1.57
N VAL B 47 24.42 13.51 -0.31
CA VAL B 47 24.07 14.57 0.62
C VAL B 47 25.24 15.53 0.80
N ILE B 48 26.46 15.09 0.54
CA ILE B 48 27.62 15.99 0.68
C ILE B 48 27.81 16.88 -0.54
N CYS B 49 26.95 16.77 -1.55
CA CYS B 49 27.14 17.49 -2.79
C CYS B 49 26.42 18.83 -2.77
N THR B 50 27.11 19.90 -3.18
CA THR B 50 26.40 21.07 -3.67
C THR B 50 25.71 20.73 -4.99
N SER B 51 24.83 21.63 -5.44
CA SER B 51 24.17 21.41 -6.73
C SER B 51 25.18 21.33 -7.86
N GLU B 52 26.20 22.18 -7.85
CA GLU B 52 27.23 22.10 -8.88
C GLU B 52 28.00 20.79 -8.76
N ASP B 53 28.26 20.34 -7.52
CA ASP B 53 28.95 19.08 -7.31
C ASP B 53 28.21 17.92 -7.97
N MET B 54 26.88 17.92 -7.86
CA MET B 54 26.09 16.81 -8.38
C MET B 54 26.29 16.60 -9.87
N LEU B 55 26.65 17.66 -10.60
CA LEU B 55 26.81 17.57 -12.05
C LEU B 55 27.95 16.65 -12.43
N ASN B 56 28.99 16.55 -11.59
CA ASN B 56 30.12 15.67 -11.85
C ASN B 56 30.95 15.51 -10.58
N PRO B 57 30.48 14.69 -9.65
CA PRO B 57 31.12 14.62 -8.33
C PRO B 57 32.31 13.67 -8.28
N ASN B 58 33.40 14.12 -7.67
CA ASN B 58 34.48 13.25 -7.24
C ASN B 58 34.26 13.03 -5.75
N TYR B 59 33.67 11.89 -5.41
CA TYR B 59 33.13 11.72 -4.06
C TYR B 59 34.23 11.61 -3.01
N GLU B 60 35.36 10.96 -3.33
CA GLU B 60 36.44 10.88 -2.34
C GLU B 60 37.03 12.26 -2.04
N ASP B 61 37.18 13.09 -3.07
CA ASP B 61 37.64 14.47 -2.85
C ASP B 61 36.65 15.25 -2.00
N LEU B 62 35.36 15.11 -2.29
CA LEU B 62 34.35 15.87 -1.54
C LEU B 62 34.31 15.44 -0.09
N LEU B 63 34.46 14.13 0.17
CA LEU B 63 34.31 13.66 1.54
C LEU B 63 35.53 14.03 2.40
N ILE B 64 36.73 14.03 1.84
CA ILE B 64 37.91 14.34 2.66
C ILE B 64 37.90 15.79 3.13
N ARG B 65 37.14 16.66 2.46
CA ARG B 65 37.01 18.07 2.82
C ARG B 65 35.89 18.33 3.82
N LYS B 66 35.23 17.29 4.30
CA LYS B 66 34.14 17.41 5.27
C LYS B 66 34.62 17.04 6.67
N SER B 67 34.04 17.69 7.67
CA SER B 67 34.23 17.32 9.07
C SER B 67 32.92 16.80 9.66
N ASN B 68 33.05 16.08 10.78
CA ASN B 68 31.88 15.54 11.48
C ASN B 68 30.81 16.60 11.71
N HIS B 69 31.22 17.80 12.09
CA HIS B 69 30.25 18.85 12.43
C HIS B 69 29.57 19.46 11.21
N ASN B 70 30.02 19.13 9.99
CA ASN B 70 29.28 19.50 8.80
C ASN B 70 28.00 18.68 8.63
N PHE B 71 27.88 17.56 9.32
CA PHE B 71 26.72 16.67 9.18
C PHE B 71 25.71 17.00 10.27
N LEU B 72 24.52 17.45 9.88
CA LEU B 72 23.45 17.74 10.83
C LEU B 72 22.44 16.61 10.74
N VAL B 73 22.39 15.77 11.77
CA VAL B 73 21.47 14.63 11.84
C VAL B 73 20.41 14.93 12.89
N GLN B 74 19.14 14.76 12.53
CA GLN B 74 18.05 15.05 13.44
C GLN B 74 17.09 13.87 13.47
N ALA B 75 16.87 13.32 14.66
CA ALA B 75 15.84 12.33 14.92
C ALA B 75 14.67 13.07 15.56
N GLY B 76 13.61 13.26 14.80
CA GLY B 76 12.57 14.18 15.24
C GLY B 76 13.17 15.56 15.38
N ASN B 77 13.11 16.12 16.58
CA ASN B 77 13.69 17.43 16.84
C ASN B 77 15.11 17.37 17.40
N VAL B 78 15.51 16.22 17.92
CA VAL B 78 16.76 16.08 18.67
C VAL B 78 17.92 15.85 17.71
N GLN B 79 18.92 16.72 17.76
CA GLN B 79 20.13 16.51 16.98
C GLN B 79 20.93 15.34 17.53
N LEU B 80 21.45 14.50 16.64
CA LEU B 80 22.40 13.47 17.00
C LEU B 80 23.80 13.94 16.60
N ARG B 81 24.72 13.92 17.54
CA ARG B 81 26.08 14.37 17.28
C ARG B 81 26.84 13.30 16.50
N VAL B 82 27.36 13.67 15.34
CA VAL B 82 28.20 12.77 14.53
C VAL B 82 29.61 12.80 15.09
N ILE B 83 30.14 11.63 15.43
CA ILE B 83 31.46 11.47 16.02
C ILE B 83 32.40 10.68 15.12
N GLY B 84 31.99 10.42 13.89
CA GLY B 84 32.81 9.69 12.93
C GLY B 84 32.03 9.50 11.64
N HIS B 85 32.73 9.24 10.55
CA HIS B 85 32.03 8.96 9.30
C HIS B 85 32.95 8.17 8.39
N SER B 86 32.33 7.38 7.53
CA SER B 86 33.07 6.63 6.52
C SER B 86 32.15 6.43 5.32
N MET B 87 32.75 6.05 4.20
CA MET B 87 32.03 5.87 2.96
C MET B 87 32.20 4.44 2.50
N GLN B 88 31.10 3.79 2.18
CA GLN B 88 31.10 2.44 1.61
C GLN B 88 30.36 2.53 0.29
N ASN B 89 31.11 2.56 -0.80
CA ASN B 89 30.52 2.69 -2.14
C ASN B 89 29.64 3.93 -2.13
N CYS B 90 28.34 3.84 -2.40
CA CYS B 90 27.54 5.03 -2.60
C CYS B 90 26.79 5.43 -1.34
N VAL B 91 27.04 4.78 -0.21
CA VAL B 91 26.39 5.17 1.06
C VAL B 91 27.43 5.70 2.04
N LEU B 92 26.98 6.65 2.82
CA LEU B 92 27.73 7.23 3.93
C LEU B 92 27.27 6.57 5.21
N LYS B 93 28.23 6.21 6.06
CA LYS B 93 27.95 5.68 7.39
C LYS B 93 28.42 6.71 8.41
N LEU B 94 27.47 7.34 9.10
CA LEU B 94 27.75 8.35 10.10
C LEU B 94 27.64 7.74 11.49
N LYS B 95 28.74 7.73 12.23
CA LYS B 95 28.69 7.26 13.61
C LYS B 95 28.18 8.39 14.48
N VAL B 96 27.20 8.09 15.32
CA VAL B 96 26.61 9.07 16.23
C VAL B 96 26.88 8.61 17.65
N ASP B 97 26.71 9.54 18.59
CA ASP B 97 27.02 9.26 19.99
C ASP B 97 25.85 8.67 20.74
N THR B 98 24.79 8.29 20.03
CA THR B 98 23.55 7.80 20.62
C THR B 98 23.12 6.54 19.89
N ALA B 99 22.72 5.51 20.63
CA ALA B 99 22.17 4.31 20.02
C ALA B 99 20.67 4.50 19.81
N ASN B 100 20.17 3.93 18.73
CA ASN B 100 18.74 3.99 18.45
C ASN B 100 18.02 2.92 19.26
N PRO B 101 17.24 3.30 20.28
CA PRO B 101 16.56 2.29 21.09
C PRO B 101 15.54 1.48 20.31
N LYS B 102 15.05 1.99 19.17
CA LYS B 102 14.04 1.30 18.38
C LYS B 102 14.64 0.42 17.28
N THR B 103 15.95 0.21 17.29
CA THR B 103 16.61 -0.63 16.29
C THR B 103 15.98 -2.02 16.28
N PRO B 104 15.38 -2.45 15.17
CA PRO B 104 14.86 -3.81 15.10
C PRO B 104 15.98 -4.79 14.79
N LYS B 105 15.67 -6.07 14.93
CA LYS B 105 16.54 -7.09 14.37
C LYS B 105 16.54 -6.93 12.85
N TYR B 106 17.72 -6.97 12.24
CA TYR B 106 17.79 -6.61 10.83
C TYR B 106 18.95 -7.31 10.15
N LYS B 107 18.88 -7.29 8.82
CA LYS B 107 19.99 -7.69 7.97
C LYS B 107 19.95 -6.83 6.70
N PHE B 108 21.10 -6.72 6.06
CA PHE B 108 21.19 -6.10 4.75
C PHE B 108 21.24 -7.21 3.71
N VAL B 109 20.41 -7.12 2.69
CA VAL B 109 20.39 -8.13 1.64
C VAL B 109 20.40 -7.45 0.28
N ARG B 110 20.98 -8.12 -0.69
CA ARG B 110 20.89 -7.70 -2.07
C ARG B 110 19.86 -8.59 -2.77
N ILE B 111 18.81 -7.99 -3.29
CA ILE B 111 17.74 -8.79 -3.86
C ILE B 111 18.00 -9.01 -5.34
N GLN B 112 17.31 -10.00 -5.89
CA GLN B 112 17.37 -10.40 -7.28
C GLN B 112 16.25 -9.74 -8.06
N PRO B 113 16.45 -9.51 -9.35
CA PRO B 113 15.36 -8.99 -10.18
C PRO B 113 14.16 -9.91 -10.11
N GLY B 114 12.97 -9.31 -10.14
CA GLY B 114 11.73 -10.03 -9.95
C GLY B 114 11.25 -10.07 -8.52
N GLN B 115 12.15 -9.93 -7.54
CA GLN B 115 11.75 -9.97 -6.15
C GLN B 115 11.08 -8.64 -5.77
N THR B 116 10.20 -8.71 -4.77
CA THR B 116 9.44 -7.55 -4.34
C THR B 116 9.87 -7.10 -2.96
N PHE B 117 9.51 -5.87 -2.63
CA PHE B 117 9.83 -5.30 -1.33
C PHE B 117 8.92 -4.11 -1.08
N SER B 118 8.81 -3.74 0.19
CA SER B 118 8.04 -2.58 0.59
C SER B 118 8.94 -1.36 0.63
N VAL B 119 8.40 -0.21 0.26
CA VAL B 119 9.12 1.04 0.29
C VAL B 119 8.43 1.96 1.28
N LEU B 120 9.19 2.52 2.23
CA LEU B 120 8.68 3.55 3.13
C LEU B 120 9.23 4.87 2.63
N ALA B 121 8.38 5.64 1.96
CA ALA B 121 8.79 6.93 1.41
C ALA B 121 8.77 7.97 2.52
N CYS B 122 9.89 8.66 2.69
CA CYS B 122 10.06 9.65 3.75
C CYS B 122 10.56 10.96 3.17
N TYR B 123 10.22 12.04 3.86
CA TYR B 123 10.69 13.38 3.52
C TYR B 123 11.07 14.07 4.81
N ASN B 124 12.26 14.68 4.84
CA ASN B 124 12.75 15.38 6.02
C ASN B 124 12.78 14.47 7.24
N GLY B 125 13.17 13.21 7.04
CA GLY B 125 13.23 12.27 8.14
C GLY B 125 11.89 11.76 8.63
N SER B 126 10.79 12.09 7.95
CA SER B 126 9.46 11.72 8.43
C SER B 126 8.75 10.82 7.42
N PRO B 127 8.19 9.70 7.87
CA PRO B 127 7.49 8.79 6.94
C PRO B 127 6.25 9.41 6.33
N SER B 128 6.11 9.23 5.01
CA SER B 128 4.99 9.77 4.25
C SER B 128 4.04 8.71 3.70
N GLY B 129 4.54 7.58 3.22
CA GLY B 129 3.66 6.56 2.64
C GLY B 129 4.42 5.26 2.47
N VAL B 130 3.67 4.19 2.27
CA VAL B 130 4.23 2.84 2.12
C VAL B 130 3.61 2.19 0.90
N TYR B 131 4.42 1.48 0.12
CA TYR B 131 3.86 0.78 -1.03
C TYR B 131 4.82 -0.33 -1.47
N GLN B 132 4.30 -1.23 -2.29
CA GLN B 132 5.04 -2.38 -2.83
C GLN B 132 5.66 -2.07 -4.18
N CYS B 133 6.91 -2.53 -4.36
CA CYS B 133 7.65 -2.44 -5.61
C CYS B 133 8.25 -3.80 -5.93
N ALA B 134 8.79 -3.90 -7.14
CA ALA B 134 9.64 -5.02 -7.51
C ALA B 134 10.89 -4.49 -8.18
N MET B 135 12.01 -5.18 -7.96
CA MET B 135 13.22 -4.95 -8.72
C MET B 135 12.98 -5.40 -10.15
N ARG B 136 12.95 -4.47 -11.10
CA ARG B 136 12.73 -4.83 -12.49
C ARG B 136 13.91 -5.64 -13.01
N PRO B 137 13.72 -6.36 -14.11
CA PRO B 137 14.85 -7.04 -14.74
C PRO B 137 15.96 -6.10 -15.20
N ASN B 138 15.63 -4.87 -15.61
CA ASN B 138 16.66 -3.90 -15.94
C ASN B 138 17.18 -3.13 -14.73
N PHE B 139 16.87 -3.60 -13.52
CA PHE B 139 17.36 -3.08 -12.25
C PHE B 139 16.90 -1.66 -11.96
N THR B 140 15.85 -1.21 -12.62
CA THR B 140 15.13 -0.04 -12.15
C THR B 140 14.04 -0.48 -11.21
N ILE B 141 13.41 0.50 -10.55
CA ILE B 141 12.18 0.25 -9.81
C ILE B 141 11.19 1.33 -10.18
N LYS B 142 9.92 0.94 -10.31
CA LYS B 142 8.84 1.88 -10.61
C LYS B 142 8.30 2.38 -9.28
N GLY B 143 8.91 3.44 -8.76
CA GLY B 143 8.56 3.98 -7.46
C GLY B 143 7.72 5.23 -7.58
N SER B 144 7.39 5.77 -6.40
CA SER B 144 6.80 7.11 -6.29
C SER B 144 7.71 7.89 -5.34
N PHE B 145 8.62 8.64 -5.91
CA PHE B 145 9.63 9.37 -5.15
C PHE B 145 9.67 10.81 -5.64
N LEU B 146 9.70 11.76 -4.72
CA LEU B 146 9.79 13.18 -5.02
C LEU B 146 11.11 13.73 -4.46
N ASN B 147 11.30 15.04 -4.65
CA ASN B 147 12.44 15.72 -4.05
C ASN B 147 12.49 15.44 -2.54
N GLY B 148 13.69 15.18 -2.05
CA GLY B 148 13.89 14.91 -0.64
C GLY B 148 13.65 13.48 -0.22
N SER B 149 13.31 12.58 -1.14
CA SER B 149 13.01 11.21 -0.79
C SER B 149 14.25 10.33 -0.69
N CYS B 150 15.42 10.79 -1.12
CA CYS B 150 16.59 9.93 -1.07
C CYS B 150 16.88 9.53 0.36
N GLY B 151 17.45 8.34 0.54
CA GLY B 151 17.57 7.76 1.85
C GLY B 151 16.40 6.91 2.28
N SER B 152 15.23 7.07 1.64
CA SER B 152 14.14 6.10 1.83
C SER B 152 14.65 4.70 1.52
N VAL B 153 14.14 3.70 2.24
CA VAL B 153 14.63 2.33 2.08
C VAL B 153 13.50 1.39 1.65
N GLY B 154 13.89 0.33 0.97
CA GLY B 154 13.02 -0.79 0.69
C GLY B 154 13.35 -1.96 1.60
N PHE B 155 12.33 -2.75 1.92
CA PHE B 155 12.56 -3.76 2.95
C PHE B 155 11.53 -4.87 2.83
N ASN B 156 11.88 -6.01 3.42
CA ASN B 156 10.96 -7.10 3.68
C ASN B 156 11.05 -7.44 5.15
N ILE B 157 10.01 -8.09 5.68
CA ILE B 157 9.97 -8.47 7.09
C ILE B 157 9.67 -9.95 7.18
N ASP B 158 10.48 -10.67 7.96
CA ASP B 158 10.32 -12.10 8.18
C ASP B 158 10.38 -12.34 9.69
N TYR B 159 9.26 -12.82 10.25
CA TYR B 159 9.06 -12.90 11.70
C TYR B 159 9.28 -11.49 12.25
N ASP B 160 10.28 -11.26 13.09
CA ASP B 160 10.55 -9.94 13.65
C ASP B 160 11.76 -9.28 13.01
N CYS B 161 12.26 -9.83 11.91
CA CYS B 161 13.54 -9.42 11.33
C CYS B 161 13.31 -8.64 10.04
N VAL B 162 13.90 -7.45 9.96
CA VAL B 162 13.77 -6.57 8.79
C VAL B 162 14.97 -6.81 7.87
N SER B 163 14.69 -7.11 6.62
CA SER B 163 15.73 -7.26 5.60
C SER B 163 15.69 -6.01 4.73
N PHE B 164 16.65 -5.11 4.94
CA PHE B 164 16.79 -3.94 4.09
C PHE B 164 17.48 -4.34 2.79
N CYS B 165 16.87 -3.98 1.67
CA CYS B 165 17.41 -4.35 0.36
C CYS B 165 17.65 -3.16 -0.57
N TYR B 166 17.11 -1.99 -0.26
CA TYR B 166 17.14 -0.87 -1.20
C TYR B 166 17.23 0.43 -0.42
N MET B 167 18.01 1.37 -0.94
CA MET B 167 17.99 2.75 -0.49
C MET B 167 17.92 3.62 -1.73
N HIS B 168 17.10 4.67 -1.68
CA HIS B 168 16.78 5.44 -2.87
C HIS B 168 17.79 6.55 -3.16
N HIS B 169 18.21 6.67 -4.43
CA HIS B 169 19.15 7.72 -4.85
C HIS B 169 18.67 8.61 -5.98
N MET B 170 17.90 8.11 -6.96
CA MET B 170 17.70 8.93 -8.15
C MET B 170 16.51 8.52 -8.99
N GLU B 171 16.08 9.48 -9.82
CA GLU B 171 15.03 9.28 -10.80
C GLU B 171 15.64 9.39 -12.20
N LEU B 172 15.32 8.44 -13.05
CA LEU B 172 15.75 8.48 -14.44
C LEU B 172 14.79 9.32 -15.27
N PRO B 173 15.24 9.82 -16.43
CA PRO B 173 14.35 10.67 -17.25
C PRO B 173 13.06 9.99 -17.69
N THR B 174 13.00 8.66 -17.73
CA THR B 174 11.73 8.01 -18.03
C THR B 174 10.78 7.98 -16.83
N GLY B 175 11.21 8.43 -15.66
CA GLY B 175 10.36 8.42 -14.49
C GLY B 175 10.48 7.21 -13.59
N VAL B 176 11.28 6.22 -13.98
CA VAL B 176 11.58 5.09 -13.10
C VAL B 176 12.72 5.52 -12.18
N HIS B 177 13.08 4.68 -11.22
CA HIS B 177 13.99 5.08 -10.15
C HIS B 177 15.15 4.11 -10.03
N ALA B 178 16.25 4.60 -9.46
CA ALA B 178 17.46 3.80 -9.27
C ALA B 178 18.04 4.06 -7.89
N GLY B 179 18.69 3.03 -7.36
CA GLY B 179 19.22 3.10 -6.01
C GLY B 179 20.14 1.93 -5.75
N THR B 180 20.49 1.78 -4.48
CA THR B 180 21.55 0.87 -4.09
C THR B 180 21.04 -0.12 -3.05
N ASP B 181 21.82 -1.18 -2.83
CA ASP B 181 21.67 -1.94 -1.60
C ASP B 181 22.27 -1.14 -0.45
N LEU B 182 22.16 -1.67 0.75
CA LEU B 182 22.64 -0.94 1.92
C LEU B 182 24.14 -1.08 2.11
N GLU B 183 24.83 -1.79 1.21
CA GLU B 183 26.27 -1.70 1.10
C GLU B 183 26.69 -0.61 0.11
N GLY B 184 25.73 0.12 -0.44
CA GLY B 184 26.03 1.23 -1.33
C GLY B 184 26.27 0.88 -2.77
N ASN B 185 26.03 -0.36 -3.19
CA ASN B 185 26.24 -0.75 -4.57
C ASN B 185 24.94 -0.58 -5.36
N PHE B 186 25.01 0.14 -6.48
CA PHE B 186 23.82 0.37 -7.27
C PHE B 186 23.27 -0.94 -7.80
N TYR B 187 21.95 -1.01 -7.88
CA TYR B 187 21.31 -1.99 -8.74
C TYR B 187 21.34 -1.45 -10.17
N GLY B 188 21.96 -2.21 -11.07
CA GLY B 188 22.01 -1.82 -12.46
C GLY B 188 23.17 -0.90 -12.79
N PRO B 189 23.30 -0.50 -14.06
CA PRO B 189 24.49 0.24 -14.50
C PRO B 189 24.42 1.74 -14.28
N PHE B 190 23.89 2.18 -13.15
CA PHE B 190 23.72 3.61 -12.91
C PHE B 190 24.80 4.13 -11.98
N VAL B 191 24.94 5.46 -11.96
CA VAL B 191 25.89 6.16 -11.11
C VAL B 191 25.20 7.35 -10.47
N ASP B 192 25.62 7.69 -9.26
CA ASP B 192 25.02 8.84 -8.56
C ASP B 192 25.70 10.13 -9.04
N ARG B 193 25.39 10.47 -10.29
CA ARG B 193 25.77 11.73 -10.92
C ARG B 193 24.53 12.32 -11.60
N GLN B 194 24.39 13.64 -11.54
CA GLN B 194 23.27 14.29 -12.22
C GLN B 194 23.62 14.40 -13.71
N THR B 195 23.26 13.35 -14.44
CA THR B 195 23.49 13.29 -15.88
C THR B 195 22.47 12.31 -16.44
N ALA B 196 22.06 12.55 -17.70
CA ALA B 196 21.05 11.72 -18.32
C ALA B 196 21.50 10.27 -18.37
N GLN B 197 20.66 9.37 -17.87
CA GLN B 197 21.01 7.95 -17.84
C GLN B 197 19.80 7.13 -18.25
N ALA B 198 20.02 6.23 -19.20
CA ALA B 198 19.02 5.28 -19.66
C ALA B 198 19.29 3.92 -19.05
N ALA B 199 18.24 3.11 -18.96
CA ALA B 199 18.34 1.74 -18.50
C ALA B 199 18.33 0.79 -19.69
N GLY B 200 18.72 -0.45 -19.45
CA GLY B 200 18.51 -1.49 -20.43
C GLY B 200 17.03 -1.68 -20.71
N THR B 201 16.74 -2.30 -21.84
CA THR B 201 15.36 -2.63 -22.19
C THR B 201 14.75 -3.52 -21.10
N ASP B 202 13.61 -3.09 -20.58
CA ASP B 202 12.99 -3.88 -19.52
C ASP B 202 12.27 -5.08 -20.11
N THR B 203 12.10 -6.11 -19.27
CA THR B 203 11.36 -7.31 -19.62
C THR B 203 10.36 -7.60 -18.52
N THR B 204 9.36 -8.43 -18.83
CA THR B 204 8.31 -8.76 -17.87
C THR B 204 8.73 -9.96 -17.03
N ILE B 205 8.39 -9.92 -15.74
CA ILE B 205 8.80 -10.96 -14.81
C ILE B 205 7.81 -12.11 -14.93
N THR B 206 8.18 -13.14 -15.70
CA THR B 206 7.24 -14.17 -16.14
C THR B 206 6.64 -14.94 -14.96
N VAL B 207 7.50 -15.41 -14.04
CA VAL B 207 7.01 -16.22 -12.94
C VAL B 207 6.04 -15.42 -12.08
N ASN B 208 6.20 -14.11 -12.01
CA ASN B 208 5.28 -13.27 -11.27
C ASN B 208 3.93 -13.16 -11.97
N VAL B 209 3.95 -13.07 -13.32
CA VAL B 209 2.70 -13.03 -14.08
C VAL B 209 1.91 -14.33 -13.87
N LEU B 210 2.60 -15.46 -13.91
CA LEU B 210 1.96 -16.74 -13.67
C LEU B 210 1.33 -16.80 -12.28
N ALA B 211 2.07 -16.36 -11.27
CA ALA B 211 1.54 -16.36 -9.90
C ALA B 211 0.31 -15.48 -9.80
N TRP B 212 0.34 -14.34 -10.48
CA TRP B 212 -0.82 -13.46 -10.54
C TRP B 212 -1.99 -14.12 -11.26
N LEU B 213 -1.72 -14.88 -12.33
CA LEU B 213 -2.80 -15.63 -12.98
C LEU B 213 -3.40 -16.65 -12.02
N TYR B 214 -2.56 -17.31 -11.21
CA TYR B 214 -3.09 -18.23 -10.20
C TYR B 214 -3.94 -17.49 -9.17
N ALA B 215 -3.50 -16.30 -8.75
CA ALA B 215 -4.33 -15.49 -7.86
C ALA B 215 -5.68 -15.20 -8.49
N ALA B 216 -5.70 -14.89 -9.79
CA ALA B 216 -6.96 -14.60 -10.48
C ALA B 216 -7.88 -15.80 -10.49
N VAL B 217 -7.32 -17.00 -10.69
CA VAL B 217 -8.13 -18.22 -10.72
C VAL B 217 -8.65 -18.52 -9.31
N ILE B 218 -7.81 -18.34 -8.29
CA ILE B 218 -8.24 -18.54 -6.90
C ILE B 218 -9.41 -17.62 -6.57
N ASN B 219 -9.45 -16.44 -7.18
CA ASN B 219 -10.56 -15.51 -6.99
C ASN B 219 -11.69 -15.72 -7.98
N GLY B 220 -11.63 -16.75 -8.83
CA GLY B 220 -12.73 -17.10 -9.71
C GLY B 220 -12.74 -16.45 -11.07
N ASP B 221 -11.64 -15.82 -11.50
CA ASP B 221 -11.54 -15.21 -12.82
C ASP B 221 -10.75 -16.17 -13.71
N ARG B 222 -11.45 -16.87 -14.60
CA ARG B 222 -10.87 -18.00 -15.33
C ARG B 222 -10.95 -17.86 -16.84
N TRP B 223 -11.44 -16.73 -17.36
CA TRP B 223 -11.76 -16.65 -18.79
C TRP B 223 -10.55 -16.91 -19.69
N PHE B 224 -9.33 -16.73 -19.17
CA PHE B 224 -8.11 -16.84 -19.96
C PHE B 224 -7.59 -18.26 -20.06
N LEU B 225 -8.09 -19.18 -19.24
CA LEU B 225 -7.63 -20.57 -19.26
C LEU B 225 -8.02 -21.24 -20.57
N ASN B 226 -7.23 -22.23 -20.98
CA ASN B 226 -7.50 -22.99 -22.19
C ASN B 226 -7.11 -24.45 -21.93
N ARG B 227 -7.19 -25.26 -22.99
CA ARG B 227 -6.76 -26.66 -22.91
C ARG B 227 -5.51 -26.92 -23.75
N PHE B 228 -4.86 -25.87 -24.25
CA PHE B 228 -3.60 -26.05 -24.96
C PHE B 228 -2.53 -26.62 -24.03
N THR B 229 -1.54 -27.26 -24.64
CA THR B 229 -0.42 -27.82 -23.91
C THR B 229 0.86 -27.13 -24.37
N THR B 230 1.86 -27.11 -23.50
CA THR B 230 3.15 -26.61 -23.90
C THR B 230 4.23 -27.25 -23.06
N THR B 231 5.37 -27.52 -23.70
CA THR B 231 6.57 -27.85 -22.97
C THR B 231 7.16 -26.58 -22.38
N LEU B 232 8.01 -26.76 -21.37
CA LEU B 232 8.69 -25.62 -20.76
C LEU B 232 9.52 -24.89 -21.80
N ASN B 233 10.27 -25.64 -22.61
CA ASN B 233 11.11 -25.02 -23.64
C ASN B 233 10.28 -24.24 -24.64
N ASP B 234 9.17 -24.82 -25.12
CA ASP B 234 8.38 -24.14 -26.13
C ASP B 234 7.70 -22.90 -25.58
N PHE B 235 7.30 -22.93 -24.30
CA PHE B 235 6.80 -21.70 -23.68
C PHE B 235 7.90 -20.64 -23.62
N ASN B 236 9.13 -21.03 -23.26
CA ASN B 236 10.22 -20.06 -23.13
C ASN B 236 10.56 -19.41 -24.48
N LEU B 237 10.41 -20.16 -25.57
CA LEU B 237 10.65 -19.57 -26.89
C LEU B 237 9.67 -18.44 -27.16
N VAL B 238 8.39 -18.65 -26.88
CA VAL B 238 7.40 -17.61 -27.09
C VAL B 238 7.60 -16.47 -26.11
N ALA B 239 7.96 -16.79 -24.86
CA ALA B 239 8.22 -15.76 -23.86
C ALA B 239 9.36 -14.84 -24.30
N MET B 240 10.48 -15.42 -24.72
CA MET B 240 11.59 -14.58 -25.15
C MET B 240 11.19 -13.70 -26.32
N LYS B 241 10.34 -14.23 -27.22
CA LYS B 241 9.89 -13.47 -28.37
C LYS B 241 9.15 -12.21 -27.96
N TYR B 242 8.39 -12.29 -26.87
CA TYR B 242 7.60 -11.16 -26.36
C TYR B 242 8.28 -10.42 -25.22
N ASN B 243 9.60 -10.54 -25.08
CA ASN B 243 10.36 -9.81 -24.07
C ASN B 243 9.91 -10.16 -22.65
N TYR B 244 9.59 -11.44 -22.46
CA TYR B 244 9.34 -11.99 -21.13
C TYR B 244 10.59 -12.74 -20.66
N GLU B 245 10.84 -12.68 -19.35
CA GLU B 245 11.96 -13.39 -18.76
C GLU B 245 11.76 -14.91 -18.89
N PRO B 246 12.85 -15.67 -18.99
CA PRO B 246 12.73 -17.13 -19.05
C PRO B 246 12.17 -17.70 -17.76
N LEU B 247 11.42 -18.79 -17.91
CA LEU B 247 10.90 -19.55 -16.77
C LEU B 247 11.83 -20.72 -16.51
N THR B 248 12.37 -20.79 -15.31
CA THR B 248 13.25 -21.89 -14.91
C THR B 248 12.45 -22.99 -14.22
N GLN B 249 13.09 -24.16 -14.10
CA GLN B 249 12.45 -25.26 -13.38
C GLN B 249 12.25 -24.91 -11.90
N ASP B 250 13.15 -24.13 -11.31
CA ASP B 250 12.90 -23.69 -9.94
C ASP B 250 11.69 -22.78 -9.87
N HIS B 251 11.50 -21.91 -10.87
CA HIS B 251 10.26 -21.14 -10.98
C HIS B 251 9.05 -22.08 -11.02
N VAL B 252 9.14 -23.11 -11.86
CA VAL B 252 8.06 -24.10 -11.90
C VAL B 252 7.88 -24.73 -10.52
N ASP B 253 8.96 -24.91 -9.76
CA ASP B 253 8.85 -25.57 -8.47
C ASP B 253 8.19 -24.66 -7.44
N ILE B 254 8.54 -23.38 -7.41
CA ILE B 254 7.94 -22.48 -6.43
C ILE B 254 6.49 -22.18 -6.76
N LEU B 255 6.06 -22.41 -8.01
CA LEU B 255 4.65 -22.28 -8.34
C LEU B 255 3.85 -23.50 -7.93
N GLY B 256 4.53 -24.55 -7.46
CA GLY B 256 3.90 -25.80 -7.08
C GLY B 256 2.72 -25.66 -6.14
N PRO B 257 2.92 -25.00 -4.99
CA PRO B 257 1.80 -24.80 -4.06
C PRO B 257 0.58 -24.18 -4.72
N LEU B 258 0.77 -23.21 -5.62
CA LEU B 258 -0.36 -22.57 -6.27
C LEU B 258 -1.02 -23.48 -7.29
N SER B 259 -0.23 -24.31 -7.96
CA SER B 259 -0.79 -25.29 -8.88
C SER B 259 -1.56 -26.37 -8.13
N ALA B 260 -1.08 -26.76 -6.94
CA ALA B 260 -1.78 -27.75 -6.13
C ALA B 260 -3.10 -27.21 -5.63
N GLN B 261 -3.13 -25.97 -5.15
CA GLN B 261 -4.37 -25.39 -4.65
C GLN B 261 -5.42 -25.26 -5.76
N THR B 262 -5.01 -24.88 -6.97
CA THR B 262 -5.95 -24.62 -8.05
C THR B 262 -6.25 -25.83 -8.90
N GLY B 263 -5.43 -26.88 -8.84
CA GLY B 263 -5.58 -27.99 -9.75
C GLY B 263 -5.21 -27.68 -11.19
N ILE B 264 -4.47 -26.59 -11.43
CA ILE B 264 -4.05 -26.22 -12.77
C ILE B 264 -2.54 -26.39 -12.84
N ALA B 265 -2.09 -27.31 -13.69
CA ALA B 265 -0.66 -27.57 -13.82
C ALA B 265 0.07 -26.30 -14.26
N VAL B 266 1.31 -26.17 -13.79
CA VAL B 266 2.09 -24.98 -14.11
C VAL B 266 2.20 -24.80 -15.62
N LEU B 267 2.60 -25.86 -16.32
CA LEU B 267 2.73 -25.77 -17.77
C LEU B 267 1.39 -25.50 -18.44
N ASP B 268 0.28 -25.87 -17.81
CA ASP B 268 -1.02 -25.51 -18.36
C ASP B 268 -1.29 -24.02 -18.19
N MET B 269 -0.88 -23.44 -17.06
CA MET B 269 -0.98 -21.99 -16.90
C MET B 269 -0.04 -21.26 -17.87
N CYS B 270 1.09 -21.88 -18.20
CA CYS B 270 1.96 -21.34 -19.24
C CYS B 270 1.24 -21.28 -20.60
N ALA B 271 0.52 -22.35 -20.94
CA ALA B 271 -0.24 -22.35 -22.17
C ALA B 271 -1.26 -21.22 -22.20
N SER B 272 -1.91 -20.95 -21.07
CA SER B 272 -2.86 -19.84 -21.01
C SER B 272 -2.16 -18.51 -21.24
N LEU B 273 -1.03 -18.31 -20.57
CA LEU B 273 -0.28 -17.06 -20.74
C LEU B 273 0.22 -16.91 -22.17
N LYS B 274 0.72 -18.01 -22.76
CA LYS B 274 1.20 -17.96 -24.14
C LYS B 274 0.10 -17.49 -25.09
N GLU B 275 -1.14 -17.94 -24.88
CA GLU B 275 -2.22 -17.48 -25.74
C GLU B 275 -2.55 -16.02 -25.46
N LEU B 276 -2.50 -15.60 -24.19
CA LEU B 276 -2.68 -14.18 -23.88
C LEU B 276 -1.62 -13.32 -24.55
N LEU B 277 -0.39 -13.84 -24.70
CA LEU B 277 0.65 -13.04 -25.34
C LEU B 277 0.44 -12.96 -26.85
N GLN B 278 -0.08 -14.03 -27.46
CA GLN B 278 -0.21 -14.05 -28.91
C GLN B 278 -1.51 -13.40 -29.39
N ASN B 279 -2.57 -13.45 -28.59
CA ASN B 279 -3.85 -12.89 -28.98
C ASN B 279 -4.19 -11.58 -28.27
N GLY B 280 -3.49 -11.23 -27.20
CA GLY B 280 -3.88 -10.11 -26.38
C GLY B 280 -5.03 -10.47 -25.46
N MET B 281 -5.45 -9.49 -24.66
CA MET B 281 -6.54 -9.67 -23.73
C MET B 281 -7.89 -9.25 -24.31
N ASN B 282 -7.93 -8.93 -25.60
CA ASN B 282 -9.14 -8.41 -26.27
C ASN B 282 -9.54 -7.15 -25.51
N GLY B 283 -10.79 -7.01 -25.07
CA GLY B 283 -11.14 -5.85 -24.28
C GLY B 283 -11.41 -6.20 -22.83
N ARG B 284 -10.87 -7.33 -22.38
CA ARG B 284 -11.20 -7.88 -21.07
C ARG B 284 -10.12 -7.53 -20.05
N THR B 285 -10.45 -7.76 -18.79
CA THR B 285 -9.54 -7.53 -17.67
C THR B 285 -9.33 -8.81 -16.91
N ILE B 286 -8.21 -8.85 -16.17
CA ILE B 286 -7.92 -9.93 -15.23
C ILE B 286 -7.67 -9.28 -13.87
N LEU B 287 -8.43 -9.70 -12.86
CA LEU B 287 -8.37 -9.07 -11.54
C LEU B 287 -8.49 -7.55 -11.65
N GLY B 288 -9.38 -7.11 -12.55
CA GLY B 288 -9.58 -5.69 -12.78
C GLY B 288 -8.50 -4.99 -13.57
N SER B 289 -7.49 -5.71 -14.04
CA SER B 289 -6.36 -5.10 -14.74
C SER B 289 -6.46 -5.35 -16.23
N ALA B 290 -6.27 -4.29 -17.02
CA ALA B 290 -6.23 -4.40 -18.47
C ALA B 290 -4.85 -4.82 -18.98
N LEU B 291 -3.89 -4.99 -18.09
CA LEU B 291 -2.55 -5.43 -18.44
C LEU B 291 -2.15 -6.57 -17.52
N LEU B 292 -1.24 -7.40 -18.01
CA LEU B 292 -0.72 -8.48 -17.19
C LEU B 292 0.22 -7.90 -16.12
N GLU B 293 -0.05 -8.23 -14.86
CA GLU B 293 0.66 -7.66 -13.73
C GLU B 293 1.82 -8.57 -13.32
N ASP B 294 3.02 -7.98 -13.11
CA ASP B 294 4.18 -8.82 -12.83
C ASP B 294 4.94 -8.43 -11.57
N GLU B 295 4.30 -7.76 -10.60
CA GLU B 295 4.98 -7.40 -9.36
C GLU B 295 4.39 -8.09 -8.14
N PHE B 296 3.79 -9.27 -8.33
CA PHE B 296 3.49 -10.21 -7.25
C PHE B 296 4.35 -11.46 -7.45
N THR B 297 5.18 -11.78 -6.46
CA THR B 297 5.93 -13.03 -6.53
C THR B 297 5.01 -14.20 -6.18
N PRO B 298 5.44 -15.44 -6.46
CA PRO B 298 4.69 -16.59 -5.94
C PRO B 298 4.49 -16.53 -4.43
N PHE B 299 5.52 -16.08 -3.70
CA PHE B 299 5.40 -16.00 -2.25
C PHE B 299 4.38 -14.94 -1.83
N ASP B 300 4.36 -13.80 -2.52
CA ASP B 300 3.35 -12.79 -2.22
C ASP B 300 1.94 -13.35 -2.42
N VAL B 301 1.72 -14.12 -3.49
CA VAL B 301 0.39 -14.63 -3.78
C VAL B 301 -0.03 -15.63 -2.71
N VAL B 302 0.85 -16.57 -2.37
CA VAL B 302 0.54 -17.56 -1.35
C VAL B 302 0.32 -16.89 0.00
N ARG B 303 1.16 -15.90 0.33
CA ARG B 303 1.03 -15.18 1.60
C ARG B 303 -0.36 -14.56 1.74
N GLN B 304 -0.92 -14.04 0.65
CA GLN B 304 -2.18 -13.33 0.70
C GLN B 304 -3.39 -14.22 0.41
N CYS B 305 -3.24 -15.24 -0.43
CA CYS B 305 -4.35 -16.12 -0.79
C CYS B 305 -4.37 -17.42 0.02
N SER B 306 -3.64 -17.48 1.13
CA SER B 306 -3.63 -18.67 1.96
C SER B 306 -3.19 -18.31 3.38
C ACE C 1 19.33 12.38 -13.11
O ACE C 1 20.11 13.28 -13.17
CH3 ACE C 1 19.40 11.20 -14.08
N VAL C 2 18.29 12.37 -12.11
CA VAL C 2 18.19 13.45 -11.16
C VAL C 2 18.38 12.81 -9.79
N LEU C 3 19.44 13.30 -8.95
CA LEU C 3 19.68 12.75 -7.65
C LEU C 3 18.55 13.24 -6.77
OAD ELL C 4 13.60 10.30 -6.96
CD2 ELL C 4 13.74 11.46 -7.14
NAH ELL C 4 12.70 12.35 -7.78
CAE ELL C 4 13.21 13.69 -7.84
CD1 ELL C 4 14.41 13.73 -6.83
CG ELL C 4 14.90 12.29 -6.82
CB ELL C 4 15.47 11.94 -5.44
CA ELL C 4 16.73 12.75 -5.10
N ELL C 4 17.85 12.30 -5.92
C ELL C 4 17.06 12.64 -3.61
O ELL C 4 16.30 13.11 -2.83
C ACE D 1 -21.71 -14.13 5.93
O ACE D 1 -22.21 -14.98 6.59
CH3 ACE D 1 -22.55 -13.23 5.03
N VAL D 2 -20.28 -13.93 6.00
CA VAL D 2 -19.49 -14.79 6.86
C VAL D 2 -18.72 -13.86 7.80
N LEU D 3 -18.94 -13.97 9.24
CA LEU D 3 -18.24 -13.11 10.16
C LEU D 3 -16.77 -13.50 10.11
OAD ELL D 4 -13.49 -11.24 5.93
CD2 ELL D 4 -13.58 -12.36 6.26
NAH ELL D 4 -12.96 -13.51 5.51
CAE ELL D 4 -13.25 -14.74 6.19
CD1 ELL D 4 -14.06 -14.39 7.48
CG ELL D 4 -14.29 -12.89 7.45
CB ELL D 4 -13.73 -12.29 8.75
CA ELL D 4 -14.36 -12.84 10.03
N ELL D 4 -15.76 -12.47 10.07
C ELL D 4 -13.72 -12.31 11.32
O ELL D 4 -12.58 -12.53 11.57
#